data_8OJU
#
_entry.id   8OJU
#
_cell.length_a   42.893
_cell.length_b   74.198
_cell.length_c   70.915
_cell.angle_alpha   90.00
_cell.angle_beta   92.15
_cell.angle_gamma   90.00
#
_symmetry.space_group_name_H-M   'P 1 21 1'
#
loop_
_entity.id
_entity.type
_entity.pdbx_description
1 polymer 'Human IgD Fab light chain'
2 polymer 'Human IgD Fab heavy chain'
3 non-polymer 1,2-ETHANEDIOL
4 non-polymer 'SODIUM ION'
5 non-polymer 'TETRAETHYLENE GLYCOL'
6 water water
#
loop_
_entity_poly.entity_id
_entity_poly.type
_entity_poly.pdbx_seq_one_letter_code
_entity_poly.pdbx_strand_id
1 'polypeptide(L)'
;(PCA)SALTQPPSVSGAPGQRVSISCTGGSSNFGAGYDVHWYQQLPATAPKLLIYGNNNRPSGVPDRFSGSKSGTSASLA
ITGLQAEDEGDYFCQSFDTSLSGWIFGGGTKLTVLGQPKAAPSVTLFPPSSEELQANKATLVCLISDFYPGAVTVAWKAD
SSPVKAGVETTTPSKQSNNKYAASSYLSLTPEQWKSHRSYSCQVTHEGSTVEKTVAPTECS
;
L
2 'polypeptide(L)'
;(PCA)VQLVQSGAEVRNPGASVKVSCKASGYTFTSYAIHWVRQAPGHRLEWVGRINTDNGNTKYSQKFHGRVALSRDTSA
STTYMDLSSLNSEDTAVYYCARAFYYSSGVMFDSWGQGALVTVSSAPTKAPDVFPIISGCRHPKDNSPVVLACLITGYHP
TSVTVTWYMGTQSQPQRTFPEIQRRDSYYMTSSQLSTPLQQWRQGEYKCVVQHTASKSKKEIFRWPESPKA
;
H
#
loop_
_chem_comp.id
_chem_comp.type
_chem_comp.name
_chem_comp.formula
EDO non-polymer 1,2-ETHANEDIOL 'C2 H6 O2'
NA non-polymer 'SODIUM ION' 'Na 1'
PG4 non-polymer 'TETRAETHYLENE GLYCOL' 'C8 H18 O5'
#
# COMPACT_ATOMS: atom_id res chain seq x y z
N PCA A 1 -31.50 -9.76 -7.48
CA PCA A 1 -30.12 -10.22 -7.43
CB PCA A 1 -29.25 -9.54 -8.49
CG PCA A 1 -30.18 -8.65 -9.30
CD PCA A 1 -31.51 -8.82 -8.61
OE PCA A 1 -32.52 -8.22 -8.98
C PCA A 1 -29.49 -10.08 -6.04
O PCA A 1 -29.59 -9.03 -5.40
N SER A 2 -28.83 -11.15 -5.59
CA SER A 2 -28.26 -11.23 -4.25
C SER A 2 -26.85 -10.67 -4.19
N ALA A 3 -26.50 -9.86 -5.17
CA ALA A 3 -25.22 -9.17 -5.20
C ALA A 3 -25.46 -7.72 -5.55
N LEU A 4 -24.54 -6.86 -5.12
CA LEU A 4 -24.58 -5.45 -5.49
C LEU A 4 -23.70 -5.24 -6.70
N THR A 5 -24.18 -4.44 -7.66
CA THR A 5 -23.48 -4.20 -8.92
C THR A 5 -23.11 -2.73 -9.02
N GLN A 6 -21.81 -2.46 -9.13
CA GLN A 6 -21.24 -1.13 -9.38
C GLN A 6 -20.36 -1.19 -10.62
N PRO A 7 -20.20 -0.07 -11.33
CA PRO A 7 -19.28 -0.04 -12.45
C PRO A 7 -17.84 -0.21 -11.97
N PRO A 8 -16.98 -0.86 -12.76
CA PRO A 8 -15.59 -1.01 -12.33
C PRO A 8 -14.81 0.29 -12.27
N SER A 9 -15.17 1.29 -13.07
CA SER A 9 -14.39 2.52 -13.04
C SER A 9 -15.25 3.72 -13.42
N VAL A 10 -14.87 4.88 -12.86
CA VAL A 10 -15.44 6.17 -13.23
CA VAL A 10 -15.45 6.17 -13.21
C VAL A 10 -14.30 7.17 -13.30
N SER A 11 -14.46 8.19 -14.14
CA SER A 11 -13.40 9.18 -14.24
C SER A 11 -14.00 10.56 -14.50
N GLY A 12 -13.24 11.58 -14.11
CA GLY A 12 -13.61 12.96 -14.38
C GLY A 12 -12.40 13.85 -14.20
N ALA A 13 -12.56 15.13 -14.55
CA ALA A 13 -11.47 16.08 -14.45
C ALA A 13 -11.60 16.90 -13.17
N PRO A 14 -10.54 17.59 -12.73
CA PRO A 14 -10.64 18.38 -11.50
C PRO A 14 -11.80 19.38 -11.55
N GLY A 15 -12.54 19.43 -10.45
CA GLY A 15 -13.70 20.30 -10.34
C GLY A 15 -14.98 19.77 -10.94
N GLN A 16 -14.93 18.66 -11.68
CA GLN A 16 -16.13 18.11 -12.29
C GLN A 16 -16.94 17.29 -11.29
N ARG A 17 -18.06 16.78 -11.75
CA ARG A 17 -18.96 15.97 -10.94
CA ARG A 17 -18.96 15.98 -10.93
C ARG A 17 -19.11 14.59 -11.54
N VAL A 18 -19.05 13.56 -10.69
CA VAL A 18 -19.24 12.19 -11.14
C VAL A 18 -20.25 11.50 -10.23
N SER A 19 -20.80 10.38 -10.69
CA SER A 19 -21.58 9.54 -9.78
C SER A 19 -21.22 8.08 -10.00
N ILE A 20 -21.46 7.30 -8.96
CA ILE A 20 -21.16 5.89 -8.93
C ILE A 20 -22.45 5.17 -8.59
N SER A 21 -22.94 4.35 -9.51
CA SER A 21 -24.18 3.61 -9.29
CA SER A 21 -24.18 3.59 -9.34
C SER A 21 -23.91 2.31 -8.54
N CYS A 22 -24.94 1.86 -7.81
CA CYS A 22 -24.91 0.56 -7.14
C CYS A 22 -26.34 0.03 -7.15
N THR A 23 -26.57 -1.11 -7.79
CA THR A 23 -27.93 -1.65 -7.78
C THR A 23 -27.94 -3.00 -7.08
N GLY A 24 -29.04 -3.25 -6.41
CA GLY A 24 -29.18 -4.48 -5.67
C GLY A 24 -30.38 -5.25 -6.15
N GLY A 25 -31.11 -5.82 -5.20
CA GLY A 25 -32.14 -6.73 -5.60
C GLY A 25 -33.14 -6.90 -4.48
N SER A 26 -34.13 -7.76 -4.75
CA SER A 26 -35.23 -7.97 -3.82
C SER A 26 -34.77 -8.39 -2.44
N SER A 27 -33.61 -9.04 -2.33
CA SER A 27 -33.16 -9.60 -1.06
C SER A 27 -32.27 -8.67 -0.24
N ASN A 28 -31.97 -7.48 -0.75
CA ASN A 28 -31.18 -6.53 0.02
C ASN A 28 -31.90 -5.19 0.04
N PHE A 29 -31.63 -4.33 -0.96
CA PHE A 29 -32.34 -3.05 -1.06
C PHE A 29 -33.85 -3.26 -1.11
N GLY A 30 -34.31 -4.27 -1.84
CA GLY A 30 -35.73 -4.55 -1.94
C GLY A 30 -36.36 -5.12 -0.69
N ALA A 31 -35.54 -5.61 0.24
CA ALA A 31 -36.03 -6.09 1.52
C ALA A 31 -36.01 -5.01 2.60
N GLY A 32 -35.73 -3.76 2.21
CA GLY A 32 -35.77 -2.64 3.13
C GLY A 32 -34.44 -2.20 3.71
N TYR A 33 -33.32 -2.80 3.31
CA TYR A 33 -32.05 -2.44 3.92
C TYR A 33 -31.45 -1.24 3.21
N ASP A 34 -30.73 -0.43 3.96
CA ASP A 34 -30.08 0.77 3.42
C ASP A 34 -28.75 0.40 2.74
N VAL A 35 -28.21 1.37 1.99
CA VAL A 35 -26.87 1.28 1.43
C VAL A 35 -25.89 2.14 2.23
N HIS A 36 -24.66 1.63 2.39
CA HIS A 36 -23.56 2.41 2.93
C HIS A 36 -22.43 2.44 1.92
N TRP A 37 -21.59 3.47 1.99
CA TRP A 37 -20.47 3.60 1.04
C TRP A 37 -19.17 3.77 1.82
N TYR A 38 -18.10 3.15 1.30
CA TYR A 38 -16.77 3.21 1.90
C TYR A 38 -15.77 3.70 0.86
N GLN A 39 -14.83 4.51 1.31
CA GLN A 39 -13.76 5.05 0.48
C GLN A 39 -12.46 4.38 0.88
N GLN A 40 -11.74 3.85 -0.10
CA GLN A 40 -10.45 3.20 0.14
C GLN A 40 -9.38 3.87 -0.71
N LEU A 41 -8.61 4.75 -0.06
CA LEU A 41 -7.51 5.40 -0.73
C LEU A 41 -6.36 4.41 -0.86
N PRO A 42 -5.42 4.66 -1.78
CA PRO A 42 -4.36 3.68 -2.02
C PRO A 42 -3.61 3.32 -0.74
N ALA A 43 -3.42 2.01 -0.54
CA ALA A 43 -2.65 1.48 0.59
C ALA A 43 -3.23 1.88 1.95
N THR A 44 -4.55 2.05 2.02
CA THR A 44 -5.21 2.40 3.28
CA THR A 44 -5.23 2.42 3.26
C THR A 44 -6.40 1.48 3.49
N ALA A 45 -6.84 1.41 4.75
CA ALA A 45 -8.06 0.68 5.07
C ALA A 45 -9.28 1.44 4.56
N PRO A 46 -10.38 0.74 4.28
CA PRO A 46 -11.65 1.42 3.99
C PRO A 46 -12.03 2.38 5.12
N LYS A 47 -12.71 3.46 4.73
CA LYS A 47 -13.24 4.47 5.61
C LYS A 47 -14.71 4.69 5.27
N LEU A 48 -15.55 4.78 6.30
CA LEU A 48 -16.97 5.03 6.08
C LEU A 48 -17.16 6.43 5.49
N LEU A 49 -17.87 6.49 4.37
CA LEU A 49 -18.09 7.73 3.64
C LEU A 49 -19.54 8.20 3.71
N ILE A 50 -20.50 7.30 3.48
CA ILE A 50 -21.92 7.59 3.57
C ILE A 50 -22.58 6.41 4.28
N TYR A 51 -23.49 6.69 5.20
CA TYR A 51 -24.25 5.61 5.85
C TYR A 51 -25.74 5.88 5.73
N GLY A 52 -26.53 4.80 5.67
CA GLY A 52 -27.97 4.96 5.69
C GLY A 52 -28.48 5.75 4.50
N ASN A 53 -27.92 5.43 3.34
CA ASN A 53 -28.29 6.01 2.04
C ASN A 53 -27.70 7.39 1.81
N ASN A 54 -27.80 8.29 2.80
CA ASN A 54 -27.50 9.69 2.53
C ASN A 54 -26.83 10.45 3.68
N ASN A 55 -26.41 9.79 4.77
CA ASN A 55 -25.82 10.50 5.90
C ASN A 55 -24.30 10.51 5.82
N ARG A 56 -23.67 11.64 6.20
CA ARG A 56 -22.22 11.75 6.24
CA ARG A 56 -22.21 11.74 6.25
C ARG A 56 -21.72 11.68 7.67
N PRO A 57 -20.74 10.83 7.97
CA PRO A 57 -20.03 10.93 9.25
C PRO A 57 -19.35 12.29 9.36
N SER A 58 -19.05 12.67 10.58
CA SER A 58 -18.35 13.92 10.81
CA SER A 58 -18.34 13.92 10.82
C SER A 58 -17.00 13.90 10.09
N GLY A 59 -16.67 15.02 9.46
CA GLY A 59 -15.42 15.12 8.74
C GLY A 59 -15.46 14.84 7.25
N VAL A 60 -16.42 14.04 6.78
CA VAL A 60 -16.53 13.74 5.36
C VAL A 60 -17.06 14.98 4.63
N PRO A 61 -16.39 15.45 3.57
CA PRO A 61 -16.84 16.66 2.88
C PRO A 61 -18.23 16.52 2.29
N ASP A 62 -18.99 17.63 2.31
CA ASP A 62 -20.31 17.65 1.68
C ASP A 62 -20.27 17.55 0.15
N ARG A 63 -19.09 17.53 -0.47
CA ARG A 63 -19.00 17.16 -1.89
C ARG A 63 -19.45 15.72 -2.15
N PHE A 64 -19.47 14.87 -1.13
CA PHE A 64 -19.96 13.50 -1.28
C PHE A 64 -21.41 13.46 -0.81
N SER A 65 -22.28 12.87 -1.63
CA SER A 65 -23.68 12.72 -1.23
C SER A 65 -24.21 11.41 -1.79
N GLY A 66 -25.28 10.90 -1.17
CA GLY A 66 -25.86 9.65 -1.58
C GLY A 66 -27.38 9.72 -1.70
N SER A 67 -27.90 8.84 -2.53
CA SER A 67 -29.34 8.64 -2.58
C SER A 67 -29.63 7.19 -2.92
N LYS A 68 -30.86 6.77 -2.61
CA LYS A 68 -31.33 5.45 -2.97
C LYS A 68 -32.83 5.48 -3.17
N SER A 69 -33.27 4.87 -4.26
CA SER A 69 -34.69 4.68 -4.54
CA SER A 69 -34.69 4.68 -4.53
C SER A 69 -34.87 3.23 -4.94
N GLY A 70 -35.71 2.52 -4.22
CA GLY A 70 -35.93 1.12 -4.55
C GLY A 70 -34.63 0.34 -4.48
N THR A 71 -34.31 -0.37 -5.55
CA THR A 71 -33.07 -1.14 -5.60
C THR A 71 -31.93 -0.40 -6.30
N SER A 72 -32.04 0.92 -6.46
CA SER A 72 -31.04 1.72 -7.17
CA SER A 72 -31.05 1.72 -7.17
C SER A 72 -30.46 2.76 -6.23
N ALA A 73 -29.14 2.68 -6.02
CA ALA A 73 -28.42 3.67 -5.20
C ALA A 73 -27.36 4.39 -6.03
N SER A 74 -26.95 5.58 -5.56
CA SER A 74 -25.96 6.37 -6.28
C SER A 74 -25.15 7.24 -5.33
N LEU A 75 -23.83 7.23 -5.48
CA LEU A 75 -22.92 8.12 -4.76
C LEU A 75 -22.49 9.22 -5.71
N ALA A 76 -22.75 10.48 -5.34
CA ALA A 76 -22.37 11.64 -6.14
C ALA A 76 -21.16 12.32 -5.52
N ILE A 77 -20.19 12.69 -6.37
CA ILE A 77 -19.02 13.43 -5.92
C ILE A 77 -18.93 14.69 -6.76
N THR A 78 -19.09 15.85 -6.12
CA THR A 78 -18.93 17.13 -6.80
C THR A 78 -17.57 17.71 -6.52
N GLY A 79 -17.14 18.63 -7.38
CA GLY A 79 -15.88 19.32 -7.19
C GLY A 79 -14.71 18.37 -7.03
N LEU A 80 -14.58 17.41 -7.95
CA LEU A 80 -13.55 16.38 -7.83
C LEU A 80 -12.18 16.96 -7.53
N GLN A 81 -11.47 16.32 -6.62
CA GLN A 81 -10.10 16.64 -6.26
C GLN A 81 -9.25 15.41 -6.49
N ALA A 82 -7.98 15.65 -6.83
CA ALA A 82 -7.03 14.56 -7.02
C ALA A 82 -7.00 13.64 -5.80
N GLU A 83 -7.17 14.22 -4.59
CA GLU A 83 -7.18 13.46 -3.34
C GLU A 83 -8.29 12.43 -3.30
N ASP A 84 -9.32 12.56 -4.14
CA ASP A 84 -10.44 11.63 -4.14
C ASP A 84 -10.15 10.31 -4.85
N GLU A 85 -9.03 10.21 -5.58
CA GLU A 85 -8.77 8.98 -6.32
C GLU A 85 -8.64 7.79 -5.38
N GLY A 86 -9.28 6.69 -5.74
CA GLY A 86 -9.29 5.51 -4.91
C GLY A 86 -10.43 4.60 -5.32
N ASP A 87 -10.71 3.62 -4.47
CA ASP A 87 -11.77 2.65 -4.74
C ASP A 87 -12.93 2.92 -3.79
N TYR A 88 -14.15 2.87 -4.34
CA TYR A 88 -15.36 3.18 -3.59
C TYR A 88 -16.24 1.93 -3.61
N PHE A 89 -16.69 1.49 -2.44
CA PHE A 89 -17.50 0.28 -2.32
C PHE A 89 -18.85 0.60 -1.72
N CYS A 90 -19.92 0.05 -2.32
CA CYS A 90 -21.20 0.05 -1.64
C CYS A 90 -21.35 -1.23 -0.81
N GLN A 91 -22.32 -1.19 0.12
CA GLN A 91 -22.52 -2.27 1.07
C GLN A 91 -23.97 -2.31 1.48
N SER A 92 -24.50 -3.52 1.67
CA SER A 92 -25.83 -3.69 2.20
C SER A 92 -25.89 -5.03 2.92
N PHE A 93 -27.06 -5.39 3.37
CA PHE A 93 -27.28 -6.67 3.99
C PHE A 93 -28.22 -7.45 3.09
N ASP A 94 -28.05 -8.78 3.02
CA ASP A 94 -28.84 -9.58 2.10
C ASP A 94 -29.48 -10.75 2.82
N THR A 95 -30.81 -10.86 2.73
CA THR A 95 -31.52 -11.91 3.46
C THR A 95 -31.32 -13.29 2.84
N SER A 96 -31.21 -13.38 1.52
CA SER A 96 -31.07 -14.69 0.89
C SER A 96 -29.70 -15.31 1.17
N LEU A 97 -28.69 -14.49 1.38
CA LEU A 97 -27.35 -14.93 1.74
C LEU A 97 -27.11 -14.90 3.24
N SER A 98 -28.01 -14.30 4.01
CA SER A 98 -27.88 -14.19 5.46
C SER A 98 -26.56 -13.51 5.85
N GLY A 99 -26.23 -12.41 5.20
CA GLY A 99 -24.96 -11.77 5.52
C GLY A 99 -24.78 -10.44 4.80
N TRP A 100 -23.70 -9.75 5.18
CA TRP A 100 -23.36 -8.47 4.57
C TRP A 100 -22.71 -8.68 3.21
N ILE A 101 -23.04 -7.80 2.28
CA ILE A 101 -22.53 -7.89 0.92
C ILE A 101 -21.95 -6.56 0.52
N PHE A 102 -20.92 -6.61 -0.32
CA PHE A 102 -20.26 -5.43 -0.87
C PHE A 102 -20.29 -5.49 -2.39
N GLY A 103 -20.41 -4.31 -3.01
CA GLY A 103 -20.21 -4.24 -4.45
C GLY A 103 -18.77 -4.52 -4.82
N GLY A 104 -18.54 -4.67 -6.12
CA GLY A 104 -17.19 -5.00 -6.58
C GLY A 104 -16.17 -3.89 -6.47
N GLY A 105 -16.60 -2.68 -6.17
CA GLY A 105 -15.67 -1.56 -6.10
C GLY A 105 -15.62 -0.78 -7.39
N THR A 106 -15.59 0.54 -7.28
CA THR A 106 -15.41 1.43 -8.44
C THR A 106 -14.11 2.19 -8.24
N LYS A 107 -13.20 2.07 -9.18
CA LYS A 107 -11.98 2.87 -9.15
C LYS A 107 -12.26 4.23 -9.79
N LEU A 108 -12.04 5.29 -9.01
CA LEU A 108 -12.20 6.67 -9.48
C LEU A 108 -10.85 7.22 -9.89
N THR A 109 -10.77 7.73 -11.13
CA THR A 109 -9.58 8.39 -11.65
C THR A 109 -9.91 9.84 -11.93
N VAL A 110 -9.03 10.75 -11.51
CA VAL A 110 -9.17 12.17 -11.77
C VAL A 110 -8.18 12.50 -12.87
N LEU A 111 -8.67 12.63 -14.10
CA LEU A 111 -7.82 12.85 -15.26
C LEU A 111 -7.51 14.34 -15.41
N GLY A 112 -6.51 14.67 -16.22
CA GLY A 112 -6.26 16.06 -16.53
C GLY A 112 -5.75 16.90 -15.39
N GLN A 113 -5.02 16.30 -14.44
CA GLN A 113 -4.30 17.07 -13.44
C GLN A 113 -3.11 17.76 -14.09
N PRO A 114 -2.49 18.74 -13.41
CA PRO A 114 -1.41 19.50 -14.06
C PRO A 114 -0.21 18.62 -14.35
N LYS A 115 0.36 18.80 -15.55
CA LYS A 115 1.54 18.06 -15.93
C LYS A 115 2.69 18.38 -14.98
N ALA A 116 3.52 17.37 -14.71
CA ALA A 116 4.67 17.53 -13.84
C ALA A 116 5.80 16.66 -14.37
N ALA A 117 7.00 17.24 -14.52
CA ALA A 117 8.13 16.51 -15.05
C ALA A 117 8.82 15.70 -13.95
N PRO A 118 9.36 14.54 -14.27
CA PRO A 118 9.99 13.71 -13.24
C PRO A 118 11.33 14.28 -12.79
N SER A 119 11.59 14.13 -11.50
CA SER A 119 12.96 14.26 -11.00
C SER A 119 13.56 12.86 -10.92
N VAL A 120 14.84 12.77 -11.26
CA VAL A 120 15.51 11.49 -11.43
C VAL A 120 16.78 11.54 -10.58
N THR A 121 16.97 10.52 -9.74
CA THR A 121 18.18 10.39 -8.94
C THR A 121 18.74 8.99 -9.18
N LEU A 122 20.01 8.93 -9.56
CA LEU A 122 20.68 7.68 -9.92
C LEU A 122 21.73 7.34 -8.86
N PHE A 123 21.70 6.10 -8.39
CA PHE A 123 22.58 5.64 -7.31
C PHE A 123 23.50 4.54 -7.83
N PRO A 124 24.80 4.64 -7.57
CA PRO A 124 25.74 3.56 -7.92
C PRO A 124 25.70 2.43 -6.90
N PRO A 125 26.43 1.34 -7.15
CA PRO A 125 26.46 0.26 -6.15
C PRO A 125 27.12 0.71 -4.86
N SER A 126 26.60 0.20 -3.74
CA SER A 126 27.22 0.45 -2.44
C SER A 126 28.48 -0.41 -2.26
N SER A 127 29.36 0.06 -1.38
CA SER A 127 30.56 -0.70 -1.08
CA SER A 127 30.57 -0.70 -1.07
C SER A 127 30.21 -2.09 -0.56
N GLU A 128 29.18 -2.17 0.28
CA GLU A 128 28.78 -3.46 0.85
C GLU A 128 28.28 -4.42 -0.23
N GLU A 129 27.48 -3.93 -1.16
CA GLU A 129 27.00 -4.82 -2.22
C GLU A 129 28.15 -5.32 -3.06
N LEU A 130 29.11 -4.45 -3.40
CA LEU A 130 30.25 -4.89 -4.19
C LEU A 130 31.09 -5.93 -3.46
N GLN A 131 31.23 -5.78 -2.14
CA GLN A 131 31.96 -6.78 -1.36
C GLN A 131 31.25 -8.13 -1.37
N ALA A 132 29.94 -8.14 -1.59
CA ALA A 132 29.17 -9.37 -1.76
C ALA A 132 29.16 -9.84 -3.20
N ASN A 133 30.02 -9.26 -4.04
CA ASN A 133 30.18 -9.69 -5.44
CA ASN A 133 30.19 -9.66 -5.45
C ASN A 133 28.93 -9.43 -6.28
N LYS A 134 28.19 -8.37 -5.96
CA LYS A 134 27.00 -7.99 -6.71
C LYS A 134 27.05 -6.49 -6.98
N ALA A 135 26.26 -6.05 -7.95
CA ALA A 135 26.22 -4.62 -8.25
C ALA A 135 24.83 -4.30 -8.78
N THR A 136 24.13 -3.35 -8.17
CA THR A 136 22.84 -2.90 -8.65
C THR A 136 22.87 -1.39 -8.77
N LEU A 137 22.49 -0.87 -9.94
CA LEU A 137 22.25 0.56 -10.11
C LEU A 137 20.77 0.80 -9.85
N VAL A 138 20.45 1.91 -9.17
CA VAL A 138 19.08 2.23 -8.77
C VAL A 138 18.72 3.60 -9.31
N CYS A 139 17.69 3.65 -10.14
CA CYS A 139 17.20 4.90 -10.70
C CYS A 139 15.84 5.18 -10.07
N LEU A 140 15.79 6.21 -9.23
CA LEU A 140 14.56 6.60 -8.55
C LEU A 140 13.92 7.81 -9.23
N ILE A 141 12.62 7.70 -9.53
CA ILE A 141 11.91 8.66 -10.39
C ILE A 141 10.70 9.16 -9.62
N SER A 142 10.60 10.48 -9.43
CA SER A 142 9.59 11.06 -8.54
CA SER A 142 9.60 11.08 -8.54
C SER A 142 8.93 12.29 -9.16
N ASP A 143 7.76 12.63 -8.60
CA ASP A 143 7.06 13.91 -8.83
C ASP A 143 6.59 14.13 -10.26
N PHE A 144 6.10 13.09 -10.92
CA PHE A 144 5.65 13.23 -12.30
C PHE A 144 4.16 12.98 -12.45
N TYR A 145 3.58 13.63 -13.46
CA TYR A 145 2.20 13.45 -13.82
C TYR A 145 2.06 13.79 -15.30
N PRO A 146 1.33 13.00 -16.10
CA PRO A 146 0.60 11.76 -15.81
C PRO A 146 1.53 10.62 -15.42
N GLY A 147 0.94 9.51 -14.98
CA GLY A 147 1.70 8.44 -14.37
C GLY A 147 2.15 7.36 -15.32
N ALA A 148 2.81 7.77 -16.40
CA ALA A 148 3.41 6.85 -17.36
C ALA A 148 4.78 7.39 -17.73
N VAL A 149 5.80 6.55 -17.57
CA VAL A 149 7.15 6.87 -18.02
C VAL A 149 7.71 5.65 -18.70
N THR A 150 8.75 5.86 -19.51
CA THR A 150 9.59 4.76 -19.96
CA THR A 150 9.59 4.76 -19.96
C THR A 150 11.02 5.03 -19.57
N VAL A 151 11.74 3.95 -19.25
CA VAL A 151 13.09 4.03 -18.73
C VAL A 151 14.00 3.24 -19.64
N ALA A 152 15.14 3.82 -19.98
CA ALA A 152 16.14 3.16 -20.80
C ALA A 152 17.48 3.30 -20.10
N TRP A 153 18.30 2.27 -20.21
CA TRP A 153 19.63 2.26 -19.61
C TRP A 153 20.69 2.19 -20.71
N LYS A 154 21.85 2.78 -20.42
CA LYS A 154 23.01 2.69 -21.31
C LYS A 154 24.26 2.41 -20.50
N ALA A 155 25.14 1.59 -21.08
CA ALA A 155 26.50 1.36 -20.60
C ALA A 155 27.41 2.07 -21.59
N ASP A 156 28.13 3.08 -21.08
CA ASP A 156 28.73 4.10 -21.95
C ASP A 156 27.64 4.62 -22.86
N SER A 157 27.75 4.36 -24.17
CA SER A 157 26.75 4.82 -25.13
C SER A 157 25.87 3.69 -25.67
N SER A 158 26.00 2.45 -25.16
CA SER A 158 25.26 1.33 -25.75
C SER A 158 24.03 1.05 -24.93
N PRO A 159 22.86 0.91 -25.55
CA PRO A 159 21.68 0.50 -24.79
C PRO A 159 21.89 -0.86 -24.13
N VAL A 160 21.40 -0.98 -22.90
CA VAL A 160 21.43 -2.20 -22.12
C VAL A 160 19.99 -2.55 -21.77
N LYS A 161 19.55 -3.74 -22.18
CA LYS A 161 18.25 -4.24 -21.79
C LYS A 161 18.33 -5.40 -20.81
N ALA A 162 19.38 -6.22 -20.89
CA ALA A 162 19.52 -7.34 -19.97
C ALA A 162 19.71 -6.83 -18.55
N GLY A 163 19.08 -7.50 -17.59
CA GLY A 163 19.28 -7.16 -16.19
C GLY A 163 18.47 -6.00 -15.66
N VAL A 164 17.45 -5.55 -16.39
CA VAL A 164 16.67 -4.37 -16.02
C VAL A 164 15.34 -4.83 -15.42
N GLU A 165 14.97 -4.25 -14.29
CA GLU A 165 13.65 -4.40 -13.68
C GLU A 165 13.10 -3.02 -13.37
N THR A 166 11.92 -2.70 -13.92
CA THR A 166 11.34 -1.37 -13.76
C THR A 166 9.93 -1.51 -13.20
N THR A 167 9.63 -0.73 -12.17
CA THR A 167 8.32 -0.81 -11.52
C THR A 167 7.25 -0.08 -12.31
N THR A 168 6.00 -0.45 -12.06
CA THR A 168 4.86 0.34 -12.48
C THR A 168 4.74 1.56 -11.58
N PRO A 169 4.38 2.72 -12.12
CA PRO A 169 4.33 3.94 -11.31
C PRO A 169 3.22 3.88 -10.26
N SER A 170 3.46 4.52 -9.12
CA SER A 170 2.49 4.54 -8.02
CA SER A 170 2.50 4.54 -8.01
C SER A 170 2.30 5.97 -7.53
N LYS A 171 1.05 6.31 -7.19
CA LYS A 171 0.77 7.66 -6.75
C LYS A 171 1.35 7.90 -5.36
N GLN A 172 2.03 9.04 -5.19
CA GLN A 172 2.59 9.42 -3.90
C GLN A 172 1.63 10.36 -3.17
N SER A 173 2.09 10.95 -2.06
CA SER A 173 1.19 11.69 -1.17
C SER A 173 0.71 12.98 -1.80
N ASN A 174 1.57 13.64 -2.58
CA ASN A 174 1.25 14.93 -3.18
C ASN A 174 0.54 14.79 -4.53
N ASN A 175 -0.04 13.63 -4.81
CA ASN A 175 -0.80 13.30 -6.01
C ASN A 175 0.07 13.14 -7.26
N LYS A 176 1.39 13.24 -7.15
CA LYS A 176 2.24 12.90 -8.27
C LYS A 176 2.68 11.45 -8.15
N TYR A 177 3.31 10.93 -9.20
CA TYR A 177 3.65 9.52 -9.28
C TYR A 177 5.13 9.29 -8.99
N ALA A 178 5.46 8.04 -8.67
CA ALA A 178 6.83 7.61 -8.44
C ALA A 178 7.06 6.25 -9.09
N ALA A 179 8.30 6.02 -9.52
CA ALA A 179 8.67 4.74 -10.11
C ALA A 179 10.16 4.52 -9.90
N SER A 180 10.62 3.30 -10.17
CA SER A 180 12.03 2.98 -10.02
CA SER A 180 12.02 2.94 -9.98
C SER A 180 12.43 1.98 -11.08
N SER A 181 13.72 1.98 -11.37
CA SER A 181 14.31 0.98 -12.27
C SER A 181 15.63 0.52 -11.69
N TYR A 182 15.92 -0.76 -11.82
CA TYR A 182 17.11 -1.39 -11.28
C TYR A 182 17.87 -2.08 -12.41
N LEU A 183 19.17 -1.85 -12.47
CA LEU A 183 20.01 -2.53 -13.45
C LEU A 183 20.99 -3.39 -12.65
N SER A 184 20.87 -4.71 -12.79
CA SER A 184 21.78 -5.63 -12.12
C SER A 184 23.01 -5.86 -12.99
N LEU A 185 24.19 -5.65 -12.41
CA LEU A 185 25.46 -5.82 -13.12
C LEU A 185 26.39 -6.72 -12.31
N THR A 186 27.40 -7.27 -12.99
CA THR A 186 28.49 -7.87 -12.24
C THR A 186 29.48 -6.78 -11.87
N PRO A 187 30.28 -7.00 -10.82
CA PRO A 187 31.30 -6.00 -10.49
C PRO A 187 32.25 -5.73 -11.64
N GLU A 188 32.54 -6.73 -12.48
CA GLU A 188 33.39 -6.51 -13.64
C GLU A 188 32.76 -5.52 -14.62
N GLN A 189 31.45 -5.65 -14.87
CA GLN A 189 30.78 -4.72 -15.78
C GLN A 189 30.81 -3.29 -15.23
N TRP A 190 30.50 -3.14 -13.95
CA TRP A 190 30.48 -1.81 -13.33
C TRP A 190 31.85 -1.14 -13.43
N LYS A 191 32.91 -1.89 -13.12
CA LYS A 191 34.25 -1.30 -13.02
C LYS A 191 34.88 -1.06 -14.37
N SER A 192 34.50 -1.80 -15.41
N SER A 192 34.52 -1.83 -15.40
CA SER A 192 35.15 -1.76 -16.71
CA SER A 192 35.18 -1.68 -16.69
C SER A 192 34.48 -0.83 -17.72
C SER A 192 34.70 -0.44 -17.44
N HIS A 193 33.40 -0.15 -17.35
CA HIS A 193 32.80 0.87 -18.21
C HIS A 193 33.13 2.26 -17.70
N ARG A 194 33.11 3.21 -18.64
CA ARG A 194 33.33 4.60 -18.27
CA ARG A 194 33.34 4.60 -18.26
C ARG A 194 32.17 5.15 -17.46
N SER A 195 30.95 4.76 -17.80
CA SER A 195 29.79 5.27 -17.09
C SER A 195 28.57 4.43 -17.45
N TYR A 196 27.52 4.59 -16.64
CA TYR A 196 26.20 4.05 -16.91
C TYR A 196 25.20 5.19 -16.77
N SER A 197 24.10 5.10 -17.52
CA SER A 197 23.10 6.17 -17.51
CA SER A 197 23.10 6.16 -17.54
CA SER A 197 23.12 6.15 -17.52
C SER A 197 21.70 5.59 -17.47
N CYS A 198 20.80 6.31 -16.78
CA CYS A 198 19.37 6.04 -16.77
CA CYS A 198 19.37 6.01 -16.84
C CYS A 198 18.67 7.20 -17.47
N GLN A 199 17.85 6.90 -18.49
CA GLN A 199 17.13 7.91 -19.28
C GLN A 199 15.64 7.71 -19.07
N VAL A 200 14.94 8.77 -18.65
CA VAL A 200 13.52 8.71 -18.33
C VAL A 200 12.77 9.58 -19.32
N THR A 201 11.82 8.98 -20.04
CA THR A 201 11.01 9.67 -21.03
C THR A 201 9.61 9.87 -20.46
N HIS A 202 9.11 11.10 -20.60
CA HIS A 202 7.82 11.49 -20.03
C HIS A 202 7.30 12.66 -20.85
N GLU A 203 6.10 12.52 -21.41
CA GLU A 203 5.39 13.63 -22.04
C GLU A 203 6.30 14.46 -22.97
N GLY A 204 6.95 13.78 -23.90
CA GLY A 204 7.66 14.52 -24.94
C GLY A 204 9.03 15.05 -24.57
N SER A 205 9.58 14.67 -23.43
CA SER A 205 10.97 14.98 -23.12
C SER A 205 11.62 13.76 -22.49
N THR A 206 12.95 13.75 -22.56
CA THR A 206 13.75 12.72 -21.91
CA THR A 206 13.76 12.72 -21.92
C THR A 206 14.80 13.40 -21.04
N VAL A 207 15.00 12.87 -19.84
CA VAL A 207 16.02 13.35 -18.94
CA VAL A 207 15.99 13.35 -18.89
C VAL A 207 16.94 12.19 -18.59
N GLU A 208 18.22 12.47 -18.51
CA GLU A 208 19.22 11.44 -18.36
C GLU A 208 20.15 11.79 -17.22
N LYS A 209 20.45 10.80 -16.37
CA LYS A 209 21.45 10.93 -15.32
C LYS A 209 22.50 9.86 -15.52
N THR A 210 23.74 10.15 -15.11
CA THR A 210 24.88 9.28 -15.34
C THR A 210 25.68 9.11 -14.05
N VAL A 211 26.24 7.90 -13.87
CA VAL A 211 27.13 7.61 -12.75
C VAL A 211 28.35 6.86 -13.28
N ALA A 212 29.46 7.04 -12.59
CA ALA A 212 30.74 6.49 -13.01
C ALA A 212 31.46 5.90 -11.80
N PRO A 213 32.14 4.77 -11.97
CA PRO A 213 32.74 4.10 -10.81
C PRO A 213 33.78 4.91 -10.06
N THR A 214 34.43 5.90 -10.68
CA THR A 214 35.40 6.74 -10.01
C THR A 214 34.90 8.16 -9.78
N GLU A 215 33.58 8.31 -9.62
CA GLU A 215 33.00 9.64 -9.48
C GLU A 215 33.37 10.27 -8.13
N CYS A 216 33.18 9.52 -7.04
CA CYS A 216 33.51 9.98 -5.70
C CYS A 216 34.85 9.46 -5.24
N SER A 217 35.79 9.27 -6.16
CA SER A 217 37.11 8.76 -5.84
C SER A 217 37.85 9.74 -4.92
N PCA B 1 -9.76 8.78 20.96
CA PCA B 1 -10.48 8.53 19.73
CB PCA B 1 -9.62 8.85 18.52
CG PCA B 1 -8.18 8.74 19.02
CD PCA B 1 -8.37 8.88 20.50
OE PCA B 1 -7.42 9.06 21.25
C PCA B 1 -10.73 7.04 19.62
O PCA B 1 -9.99 6.23 20.16
N VAL B 2 -11.79 6.68 18.89
CA VAL B 2 -12.07 5.27 18.61
C VAL B 2 -10.95 4.70 17.75
N GLN B 3 -10.40 3.56 18.15
CA GLN B 3 -9.29 2.97 17.42
C GLN B 3 -9.32 1.45 17.50
N LEU B 4 -9.12 0.79 16.35
CA LEU B 4 -8.94 -0.65 16.26
CA LEU B 4 -8.94 -0.65 16.26
C LEU B 4 -7.55 -0.90 15.70
N VAL B 5 -6.73 -1.64 16.44
CA VAL B 5 -5.34 -1.92 16.06
C VAL B 5 -5.13 -3.43 15.97
N GLN B 6 -4.74 -3.89 14.80
CA GLN B 6 -4.62 -5.32 14.56
C GLN B 6 -3.18 -5.79 14.70
N SER B 7 -3.04 -7.11 14.83
CA SER B 7 -1.74 -7.76 14.81
C SER B 7 -1.10 -7.66 13.43
N GLY B 8 0.14 -8.10 13.34
CA GLY B 8 0.94 -7.91 12.14
C GLY B 8 0.71 -8.96 11.06
N ALA B 9 1.47 -8.80 9.98
CA ALA B 9 1.40 -9.73 8.86
C ALA B 9 1.83 -11.13 9.31
N GLU B 10 1.26 -12.14 8.65
CA GLU B 10 1.53 -13.55 8.95
C GLU B 10 1.73 -14.32 7.65
N VAL B 11 2.59 -15.34 7.68
CA VAL B 11 2.77 -16.26 6.57
C VAL B 11 2.46 -17.67 7.06
N ARG B 12 1.76 -18.44 6.23
CA ARG B 12 1.35 -19.80 6.59
C ARG B 12 1.43 -20.71 5.37
N ASN B 13 1.76 -21.98 5.61
CA ASN B 13 1.68 -23.00 4.58
C ASN B 13 0.22 -23.34 4.30
N PRO B 14 -0.11 -23.79 3.09
CA PRO B 14 -1.44 -24.33 2.83
C PRO B 14 -1.77 -25.46 3.81
N GLY B 15 -3.00 -25.42 4.32
CA GLY B 15 -3.49 -26.38 5.28
C GLY B 15 -3.27 -25.99 6.72
N ALA B 16 -2.49 -24.94 6.97
CA ALA B 16 -2.27 -24.46 8.32
C ALA B 16 -3.42 -23.54 8.73
N SER B 17 -3.30 -22.96 9.93
CA SER B 17 -4.29 -22.03 10.43
CA SER B 17 -4.29 -22.05 10.47
C SER B 17 -3.61 -20.74 10.83
N VAL B 18 -4.40 -19.67 10.92
CA VAL B 18 -3.88 -18.37 11.35
C VAL B 18 -4.86 -17.75 12.34
N LYS B 19 -4.31 -17.07 13.35
CA LYS B 19 -5.13 -16.31 14.30
C LYS B 19 -4.69 -14.85 14.26
N VAL B 20 -5.60 -13.97 13.87
CA VAL B 20 -5.35 -12.54 13.79
C VAL B 20 -6.11 -11.87 14.92
N SER B 21 -5.52 -10.83 15.51
CA SER B 21 -6.19 -10.13 16.61
C SER B 21 -6.51 -8.69 16.24
N CYS B 22 -7.44 -8.12 17.00
CA CYS B 22 -7.88 -6.74 16.82
C CYS B 22 -8.15 -6.16 18.19
N LYS B 23 -7.33 -5.19 18.62
CA LYS B 23 -7.47 -4.57 19.93
C LYS B 23 -8.18 -3.23 19.81
N ALA B 24 -9.27 -3.07 20.57
CA ALA B 24 -10.10 -1.86 20.54
C ALA B 24 -9.75 -0.92 21.68
N SER B 25 -9.82 0.38 21.41
CA SER B 25 -9.59 1.38 22.44
C SER B 25 -10.42 2.61 22.13
N GLY B 26 -10.63 3.43 23.14
CA GLY B 26 -11.30 4.70 22.98
C GLY B 26 -12.81 4.67 23.08
N TYR B 27 -13.39 3.56 23.50
CA TYR B 27 -14.83 3.41 23.68
C TYR B 27 -15.05 2.15 24.52
N THR B 28 -16.30 1.94 24.95
CA THR B 28 -16.62 0.77 25.76
C THR B 28 -16.69 -0.47 24.87
N PHE B 29 -15.72 -1.35 25.04
CA PHE B 29 -15.53 -2.51 24.15
C PHE B 29 -16.81 -3.33 24.00
N THR B 30 -17.50 -3.61 25.10
CA THR B 30 -18.65 -4.51 25.06
C THR B 30 -19.92 -3.87 24.52
N SER B 31 -19.90 -2.58 24.16
CA SER B 31 -21.11 -1.92 23.71
C SER B 31 -21.33 -1.99 22.21
N TYR B 32 -20.37 -2.51 21.44
CA TYR B 32 -20.47 -2.51 19.99
C TYR B 32 -19.92 -3.82 19.47
N ALA B 33 -20.63 -4.41 18.50
CA ALA B 33 -20.14 -5.63 17.88
C ALA B 33 -18.95 -5.34 16.97
N ILE B 34 -18.20 -6.40 16.67
CA ILE B 34 -17.06 -6.32 15.77
C ILE B 34 -17.30 -7.24 14.59
N HIS B 35 -17.06 -6.74 13.38
CA HIS B 35 -17.10 -7.55 12.17
C HIS B 35 -15.70 -7.73 11.62
N TRP B 36 -15.51 -8.85 10.91
CA TRP B 36 -14.28 -9.07 10.17
C TRP B 36 -14.61 -9.13 8.69
N VAL B 37 -13.75 -8.52 7.87
CA VAL B 37 -13.91 -8.37 6.43
C VAL B 37 -12.55 -8.60 5.81
N ARG B 38 -12.50 -9.32 4.69
CA ARG B 38 -11.21 -9.51 4.04
C ARG B 38 -11.19 -8.94 2.63
N GLN B 39 -9.98 -8.77 2.12
CA GLN B 39 -9.77 -8.23 0.78
C GLN B 39 -8.60 -8.96 0.17
N ALA B 40 -8.89 -9.87 -0.77
CA ALA B 40 -7.80 -10.53 -1.46
C ALA B 40 -7.18 -9.53 -2.45
N PRO B 41 -5.91 -9.71 -2.80
CA PRO B 41 -5.18 -8.65 -3.52
C PRO B 41 -5.91 -8.21 -4.79
N GLY B 42 -6.11 -6.90 -4.89
CA GLY B 42 -6.80 -6.32 -6.04
C GLY B 42 -8.26 -6.68 -6.18
N HIS B 43 -8.91 -7.18 -5.12
CA HIS B 43 -10.29 -7.66 -5.28
C HIS B 43 -11.26 -7.03 -4.29
N ARG B 44 -12.49 -7.54 -4.25
CA ARG B 44 -13.52 -6.83 -3.51
C ARG B 44 -13.50 -7.20 -2.04
N LEU B 45 -14.17 -6.37 -1.26
CA LEU B 45 -14.37 -6.66 0.15
C LEU B 45 -15.35 -7.82 0.34
N GLU B 46 -15.02 -8.72 1.28
CA GLU B 46 -15.81 -9.91 1.56
C GLU B 46 -16.03 -10.04 3.06
N TRP B 47 -17.29 -10.05 3.50
CA TRP B 47 -17.61 -10.23 4.91
C TRP B 47 -17.23 -11.62 5.39
N VAL B 48 -16.59 -11.69 6.57
CA VAL B 48 -16.20 -12.96 7.18
C VAL B 48 -17.17 -13.36 8.29
N GLY B 49 -17.46 -12.45 9.21
CA GLY B 49 -18.36 -12.77 10.29
C GLY B 49 -18.42 -11.65 11.31
N ARG B 50 -19.24 -11.87 12.33
CA ARG B 50 -19.56 -10.89 13.36
C ARG B 50 -19.44 -11.54 14.72
N ILE B 51 -18.94 -10.79 15.72
CA ILE B 51 -18.99 -11.25 17.10
C ILE B 51 -19.58 -10.17 17.98
N ASN B 52 -20.53 -10.55 18.81
CA ASN B 52 -21.02 -9.72 19.89
C ASN B 52 -19.96 -9.73 20.99
N THR B 53 -19.42 -8.56 21.32
CA THR B 53 -18.31 -8.50 22.26
C THR B 53 -18.77 -8.63 23.70
N ASP B 54 -20.06 -8.44 23.97
CA ASP B 54 -20.55 -8.65 25.32
C ASP B 54 -20.68 -10.14 25.63
N ASN B 55 -21.52 -10.85 24.86
CA ASN B 55 -21.86 -12.22 25.17
C ASN B 55 -21.15 -13.26 24.32
N GLY B 56 -20.37 -12.84 23.31
CA GLY B 56 -19.60 -13.78 22.50
C GLY B 56 -20.36 -14.44 21.37
N ASN B 57 -21.65 -14.13 21.17
CA ASN B 57 -22.41 -14.76 20.09
CA ASN B 57 -22.42 -14.76 20.09
C ASN B 57 -21.78 -14.42 18.74
N THR B 58 -21.74 -15.41 17.84
CA THR B 58 -21.11 -15.22 16.53
C THR B 58 -22.07 -15.55 15.38
N LYS B 59 -21.80 -14.93 14.23
CA LYS B 59 -22.43 -15.25 12.95
C LYS B 59 -21.35 -15.21 11.88
N TYR B 60 -21.48 -16.06 10.85
CA TYR B 60 -20.43 -16.20 9.85
C TYR B 60 -21.01 -16.16 8.44
N SER B 61 -20.13 -15.85 7.50
CA SER B 61 -20.45 -16.01 6.09
C SER B 61 -20.48 -17.49 5.72
N GLN B 62 -21.45 -17.86 4.90
CA GLN B 62 -21.48 -19.25 4.43
C GLN B 62 -20.26 -19.61 3.60
N LYS B 63 -19.59 -18.63 2.98
CA LYS B 63 -18.45 -18.94 2.13
C LYS B 63 -17.33 -19.68 2.87
N PHE B 64 -17.25 -19.59 4.18
CA PHE B 64 -16.10 -20.16 4.87
C PHE B 64 -16.29 -21.61 5.31
N HIS B 65 -17.51 -22.15 5.17
CA HIS B 65 -17.78 -23.58 5.39
C HIS B 65 -17.19 -24.11 6.68
N GLY B 66 -17.35 -23.34 7.76
CA GLY B 66 -16.93 -23.82 9.07
C GLY B 66 -15.45 -23.61 9.37
N ARG B 67 -14.71 -22.99 8.48
CA ARG B 67 -13.27 -22.86 8.67
C ARG B 67 -12.87 -21.64 9.49
N VAL B 68 -13.81 -20.77 9.84
CA VAL B 68 -13.49 -19.57 10.59
C VAL B 68 -14.18 -19.62 11.95
N ALA B 69 -13.47 -19.15 12.96
CA ALA B 69 -14.06 -18.94 14.28
C ALA B 69 -13.66 -17.57 14.80
N LEU B 70 -14.63 -16.85 15.36
CA LEU B 70 -14.36 -15.57 15.99
C LEU B 70 -14.51 -15.75 17.49
N SER B 71 -13.65 -15.05 18.24
CA SER B 71 -13.68 -15.07 19.69
C SER B 71 -13.34 -13.70 20.23
N ARG B 72 -13.61 -13.51 21.50
CA ARG B 72 -13.31 -12.22 22.14
C ARG B 72 -12.78 -12.44 23.55
N ASP B 73 -11.92 -11.53 23.98
CA ASP B 73 -11.38 -11.48 25.35
C ASP B 73 -11.68 -10.08 25.86
N THR B 74 -12.72 -9.96 26.69
CA THR B 74 -13.10 -8.63 27.16
CA THR B 74 -13.11 -8.64 27.18
C THR B 74 -12.03 -8.02 28.05
N SER B 75 -11.30 -8.84 28.83
CA SER B 75 -10.25 -8.29 29.68
CA SER B 75 -10.25 -8.29 29.68
C SER B 75 -9.17 -7.61 28.85
N ALA B 76 -8.99 -8.03 27.60
CA ALA B 76 -7.99 -7.45 26.73
C ALA B 76 -8.59 -6.55 25.66
N SER B 77 -9.91 -6.32 25.70
CA SER B 77 -10.62 -5.56 24.67
CA SER B 77 -10.64 -5.58 24.66
C SER B 77 -10.21 -5.99 23.26
N THR B 78 -10.12 -7.30 23.05
CA THR B 78 -9.60 -7.83 21.81
C THR B 78 -10.53 -8.87 21.24
N THR B 79 -10.67 -8.87 19.91
CA THR B 79 -11.33 -9.96 19.20
CA THR B 79 -11.32 -9.96 19.19
C THR B 79 -10.28 -10.69 18.36
N TYR B 80 -10.57 -11.96 18.05
CA TYR B 80 -9.66 -12.81 17.28
C TYR B 80 -10.41 -13.50 16.15
N MET B 81 -9.74 -13.60 15.01
CA MET B 81 -10.25 -14.39 13.90
CA MET B 81 -10.23 -14.36 13.87
C MET B 81 -9.29 -15.55 13.67
N ASP B 82 -9.80 -16.78 13.82
CA ASP B 82 -9.02 -17.98 13.57
C ASP B 82 -9.53 -18.62 12.28
N LEU B 83 -8.67 -18.71 11.27
CA LEU B 83 -9.05 -19.28 9.98
C LEU B 83 -8.19 -20.51 9.72
N SER B 84 -8.83 -21.65 9.48
CA SER B 84 -8.11 -22.93 9.36
C SER B 84 -8.18 -23.47 7.93
N SER B 85 -7.42 -24.54 7.68
CA SER B 85 -7.33 -25.17 6.35
C SER B 85 -7.03 -24.14 5.26
N LEU B 86 -5.99 -23.32 5.50
CA LEU B 86 -5.73 -22.19 4.62
C LEU B 86 -5.40 -22.64 3.21
N ASN B 87 -5.91 -21.89 2.24
CA ASN B 87 -5.66 -22.18 0.83
C ASN B 87 -5.15 -20.91 0.17
N SER B 88 -4.76 -21.02 -1.10
CA SER B 88 -4.20 -19.88 -1.82
CA SER B 88 -4.19 -19.87 -1.80
C SER B 88 -5.18 -18.72 -1.92
N GLU B 89 -6.49 -19.02 -1.97
CA GLU B 89 -7.50 -17.97 -2.04
C GLU B 89 -7.66 -17.23 -0.72
N ASP B 90 -7.03 -17.70 0.36
CA ASP B 90 -7.11 -17.01 1.63
C ASP B 90 -6.03 -15.94 1.80
N THR B 91 -5.09 -15.81 0.85
CA THR B 91 -4.14 -14.71 0.92
C THR B 91 -4.91 -13.42 0.73
N ALA B 92 -4.87 -12.55 1.73
CA ALA B 92 -5.77 -11.40 1.77
C ALA B 92 -5.37 -10.52 2.95
N VAL B 93 -5.82 -9.28 2.91
CA VAL B 93 -5.77 -8.41 4.07
C VAL B 93 -7.05 -8.62 4.86
N TYR B 94 -6.91 -8.94 6.14
CA TYR B 94 -8.05 -9.16 7.03
C TYR B 94 -8.24 -7.94 7.90
N TYR B 95 -9.41 -7.33 7.82
CA TYR B 95 -9.77 -6.14 8.59
C TYR B 95 -10.79 -6.48 9.66
N CYS B 96 -10.70 -5.77 10.76
CA CYS B 96 -11.81 -5.71 11.71
CA CYS B 96 -11.80 -5.70 11.72
C CYS B 96 -12.48 -4.35 11.60
N ALA B 97 -13.74 -4.30 12.02
CA ALA B 97 -14.48 -3.06 11.94
C ALA B 97 -15.57 -3.03 13.01
N ARG B 98 -15.82 -1.85 13.56
CA ARG B 98 -16.83 -1.66 14.59
C ARG B 98 -18.21 -1.44 13.98
N ALA B 99 -19.21 -2.19 14.47
CA ALA B 99 -20.60 -1.99 14.07
C ALA B 99 -21.25 -0.88 14.90
N PHE B 100 -21.77 0.14 14.24
CA PHE B 100 -22.39 1.27 14.92
C PHE B 100 -23.85 1.35 14.52
N TYR B 101 -24.71 1.62 15.49
CA TYR B 101 -26.13 1.73 15.21
C TYR B 101 -26.50 3.15 14.81
N TYR B 102 -27.41 3.25 13.86
CA TYR B 102 -28.10 4.52 13.62
C TYR B 102 -29.58 4.19 13.58
N SER B 103 -30.43 5.14 13.22
CA SER B 103 -31.87 4.98 13.44
C SER B 103 -32.43 3.77 12.70
N SER B 104 -31.96 3.50 11.48
CA SER B 104 -32.58 2.46 10.69
C SER B 104 -31.57 1.42 10.20
N GLY B 105 -30.54 1.13 10.98
CA GLY B 105 -29.64 0.04 10.64
C GLY B 105 -28.34 0.09 11.42
N VAL B 106 -27.34 -0.59 10.85
CA VAL B 106 -25.99 -0.69 11.39
C VAL B 106 -25.03 -0.36 10.25
N MET B 107 -23.93 0.34 10.55
CA MET B 107 -22.86 0.51 9.58
C MET B 107 -21.50 0.20 10.22
N PHE B 108 -20.44 0.13 9.41
CA PHE B 108 -19.10 -0.22 9.92
C PHE B 108 -18.33 1.10 10.03
N ASP B 109 -18.34 1.70 11.22
CA ASP B 109 -17.93 3.09 11.33
C ASP B 109 -16.44 3.30 11.58
N SER B 110 -15.70 2.27 11.98
CA SER B 110 -14.28 2.43 12.28
C SER B 110 -13.61 1.11 11.93
N TRP B 111 -12.48 1.17 11.24
CA TRP B 111 -11.81 -0.01 10.71
C TRP B 111 -10.39 -0.11 11.26
N GLY B 112 -9.94 -1.36 11.53
CA GLY B 112 -8.53 -1.60 11.78
C GLY B 112 -7.65 -1.37 10.55
N GLN B 113 -6.33 -1.40 10.77
CA GLN B 113 -5.41 -1.10 9.67
C GLN B 113 -5.22 -2.27 8.71
N GLY B 114 -5.74 -3.44 9.07
CA GLY B 114 -5.61 -4.65 8.27
C GLY B 114 -4.37 -5.44 8.61
N ALA B 115 -4.48 -6.77 8.46
CA ALA B 115 -3.36 -7.68 8.62
C ALA B 115 -3.29 -8.56 7.38
N LEU B 116 -2.13 -8.54 6.69
CA LEU B 116 -1.92 -9.35 5.50
C LEU B 116 -1.55 -10.78 5.90
N VAL B 117 -2.36 -11.74 5.49
CA VAL B 117 -2.05 -13.15 5.63
C VAL B 117 -1.65 -13.66 4.26
N THR B 118 -0.43 -14.19 4.15
CA THR B 118 0.09 -14.75 2.90
C THR B 118 0.16 -16.25 3.06
N VAL B 119 -0.53 -16.99 2.21
CA VAL B 119 -0.45 -18.45 2.20
C VAL B 119 0.57 -18.85 1.14
N SER B 120 1.67 -19.45 1.58
CA SER B 120 2.80 -19.72 0.70
C SER B 120 3.56 -20.91 1.25
N SER B 121 4.14 -21.70 0.34
CA SER B 121 5.06 -22.76 0.71
C SER B 121 6.52 -22.30 0.66
N ALA B 122 6.78 -21.10 0.20
CA ALA B 122 8.15 -20.65 0.01
C ALA B 122 8.75 -20.17 1.33
N PRO B 123 10.07 -20.30 1.51
CA PRO B 123 10.68 -19.84 2.76
C PRO B 123 10.53 -18.33 2.94
N THR B 124 10.32 -17.93 4.19
CA THR B 124 10.35 -16.53 4.57
C THR B 124 11.80 -16.10 4.73
N LYS B 125 12.10 -14.89 4.27
CA LYS B 125 13.46 -14.38 4.34
C LYS B 125 13.43 -12.89 4.65
N ALA B 126 14.23 -12.48 5.64
CA ALA B 126 14.38 -11.07 5.97
C ALA B 126 15.22 -10.35 4.92
N PRO B 127 15.01 -9.04 4.75
CA PRO B 127 15.75 -8.31 3.72
C PRO B 127 17.20 -8.03 4.10
N ASP B 128 18.05 -7.99 3.08
CA ASP B 128 19.30 -7.27 3.16
C ASP B 128 19.02 -5.80 2.91
N VAL B 129 19.75 -4.92 3.60
CA VAL B 129 19.56 -3.49 3.44
C VAL B 129 20.91 -2.84 3.21
N PHE B 130 21.06 -2.14 2.07
CA PHE B 130 22.32 -1.49 1.73
C PHE B 130 22.14 0.02 1.75
N PRO B 131 23.03 0.75 2.41
CA PRO B 131 22.98 2.22 2.30
C PRO B 131 23.50 2.64 0.93
N ILE B 132 22.73 3.46 0.22
CA ILE B 132 23.14 3.92 -1.10
C ILE B 132 23.10 5.45 -1.12
N ILE B 133 23.87 6.05 -2.03
CA ILE B 133 24.05 7.50 -1.98
C ILE B 133 24.25 8.04 -3.40
N SER B 134 23.58 9.16 -3.67
CA SER B 134 23.77 9.89 -4.92
C SER B 134 24.50 11.18 -4.60
N GLY B 135 25.60 11.42 -5.31
CA GLY B 135 26.47 12.53 -5.02
C GLY B 135 27.70 12.10 -4.25
N CYS B 136 28.60 13.05 -4.04
CA CYS B 136 29.85 12.79 -3.34
C CYS B 136 29.95 13.69 -2.11
N ARG B 137 30.95 13.38 -1.27
CA ARG B 137 31.04 14.03 0.04
C ARG B 137 32.32 14.85 0.21
N LYS B 140 32.53 17.91 -3.18
CA LYS B 140 33.55 18.75 -3.81
C LYS B 140 32.90 19.95 -4.50
N ASP B 141 31.59 19.88 -4.62
CA ASP B 141 30.78 20.88 -5.30
CA ASP B 141 30.79 20.92 -5.28
C ASP B 141 29.66 21.33 -4.37
N ASN B 142 29.02 22.46 -4.68
CA ASN B 142 27.77 22.84 -4.02
C ASN B 142 26.66 22.12 -4.78
N SER B 143 26.48 20.85 -4.42
CA SER B 143 25.54 19.98 -5.11
C SER B 143 24.93 19.04 -4.09
N PRO B 144 23.67 18.67 -4.26
CA PRO B 144 22.98 17.91 -3.19
C PRO B 144 23.42 16.46 -3.12
N VAL B 145 23.54 15.97 -1.88
CA VAL B 145 23.75 14.55 -1.58
C VAL B 145 22.39 13.97 -1.21
N VAL B 146 22.05 12.81 -1.79
CA VAL B 146 20.77 12.17 -1.53
C VAL B 146 21.03 10.78 -0.94
N LEU B 147 20.39 10.48 0.19
CA LEU B 147 20.54 9.17 0.81
C LEU B 147 19.35 8.29 0.47
N ALA B 148 19.61 6.99 0.32
CA ALA B 148 18.54 6.03 0.15
C ALA B 148 18.98 4.71 0.77
N CYS B 149 18.04 3.77 0.83
CA CYS B 149 18.35 2.42 1.29
C CYS B 149 17.76 1.45 0.28
N LEU B 150 18.60 0.53 -0.21
CA LEU B 150 18.20 -0.53 -1.13
C LEU B 150 17.86 -1.76 -0.30
N ILE B 151 16.66 -2.31 -0.51
CA ILE B 151 16.10 -3.34 0.36
C ILE B 151 15.82 -4.54 -0.55
N THR B 152 16.56 -5.64 -0.36
CA THR B 152 16.52 -6.69 -1.35
CA THR B 152 16.58 -6.70 -1.36
C THR B 152 16.60 -8.07 -0.72
N GLY B 153 16.11 -9.07 -1.45
CA GLY B 153 16.24 -10.44 -1.03
C GLY B 153 15.23 -10.93 -0.02
N TYR B 154 14.06 -10.30 0.07
CA TYR B 154 13.11 -10.68 1.11
C TYR B 154 11.89 -11.37 0.52
N HIS B 155 11.18 -12.10 1.39
CA HIS B 155 9.97 -12.79 0.98
C HIS B 155 9.17 -13.10 2.23
N PRO B 156 7.85 -12.89 2.23
CA PRO B 156 7.03 -12.30 1.16
C PRO B 156 7.08 -10.77 1.24
N THR B 157 6.27 -10.07 0.43
CA THR B 157 6.03 -8.67 0.73
C THR B 157 5.20 -8.59 2.01
N SER B 158 5.24 -7.45 2.70
CA SER B 158 5.95 -6.22 2.35
C SER B 158 6.88 -5.77 3.47
N VAL B 159 7.70 -4.76 3.16
CA VAL B 159 8.52 -4.09 4.17
C VAL B 159 7.93 -2.71 4.46
N THR B 160 8.30 -2.17 5.61
CA THR B 160 7.90 -0.81 6.01
CA THR B 160 7.91 -0.80 5.99
C THR B 160 9.17 -0.07 6.39
N VAL B 161 9.34 1.15 5.88
CA VAL B 161 10.56 1.90 6.07
C VAL B 161 10.25 3.23 6.70
N THR B 162 11.12 3.66 7.63
CA THR B 162 11.03 4.97 8.27
CA THR B 162 11.03 4.98 8.22
C THR B 162 12.43 5.54 8.39
N TRP B 163 12.54 6.86 8.26
CA TRP B 163 13.82 7.53 8.37
C TRP B 163 13.82 8.41 9.59
N TYR B 164 14.96 8.51 10.26
CA TYR B 164 15.08 9.34 11.45
C TYR B 164 16.33 10.20 11.37
N MET B 165 16.22 11.40 11.93
CA MET B 165 17.36 12.22 12.32
C MET B 165 17.22 12.35 13.83
N GLY B 166 18.10 11.70 14.58
CA GLY B 166 17.84 11.59 16.01
C GLY B 166 16.54 10.84 16.26
N THR B 167 15.68 11.41 17.09
CA THR B 167 14.38 10.81 17.38
C THR B 167 13.30 11.26 16.42
N GLN B 168 13.61 12.17 15.49
CA GLN B 168 12.60 12.84 14.69
C GLN B 168 12.44 12.12 13.36
N SER B 169 11.24 11.61 13.08
CA SER B 169 10.96 10.99 11.79
CA SER B 169 10.99 10.99 11.79
C SER B 169 11.09 12.01 10.67
N GLN B 170 11.60 11.57 9.53
CA GLN B 170 11.87 12.47 8.42
C GLN B 170 11.04 12.11 7.20
N PRO B 171 10.75 13.10 6.34
CA PRO B 171 10.04 12.81 5.10
C PRO B 171 10.84 11.87 4.21
N GLN B 172 10.14 10.93 3.60
CA GLN B 172 10.76 9.96 2.70
C GLN B 172 9.92 9.83 1.44
N ARG B 173 10.53 9.27 0.41
CA ARG B 173 9.85 8.89 -0.81
C ARG B 173 9.79 7.37 -0.87
N THR B 174 8.59 6.84 -1.05
CA THR B 174 8.35 5.41 -1.13
C THR B 174 8.21 4.99 -2.59
N PHE B 175 8.63 3.77 -2.88
CA PHE B 175 8.64 3.25 -4.23
C PHE B 175 8.03 1.86 -4.24
N PRO B 176 7.49 1.42 -5.37
CA PRO B 176 6.85 0.11 -5.42
C PRO B 176 7.84 -1.01 -5.13
N GLU B 177 7.30 -2.13 -4.70
CA GLU B 177 8.09 -3.35 -4.55
C GLU B 177 8.03 -4.09 -5.88
N ILE B 178 9.10 -4.80 -6.21
CA ILE B 178 9.14 -5.56 -7.44
C ILE B 178 9.74 -6.93 -7.17
N GLN B 179 9.21 -7.95 -7.83
CA GLN B 179 9.71 -9.30 -7.66
C GLN B 179 10.85 -9.55 -8.65
N ARG B 180 11.98 -10.01 -8.10
CA ARG B 180 13.17 -10.29 -8.88
C ARG B 180 13.03 -11.64 -9.57
N ARG B 181 13.92 -11.88 -10.53
CA ARG B 181 13.89 -13.15 -11.25
C ARG B 181 14.13 -14.34 -10.32
N ASP B 182 14.85 -14.14 -9.22
CA ASP B 182 15.09 -15.20 -8.25
C ASP B 182 13.93 -15.43 -7.28
N SER B 183 12.78 -14.77 -7.52
CA SER B 183 11.53 -14.85 -6.78
CA SER B 183 11.53 -14.85 -6.78
C SER B 183 11.52 -14.00 -5.50
N TYR B 184 12.65 -13.45 -5.07
CA TYR B 184 12.60 -12.57 -3.92
C TYR B 184 12.18 -11.17 -4.36
N TYR B 185 11.92 -10.30 -3.40
CA TYR B 185 11.44 -8.96 -3.67
C TYR B 185 12.54 -7.93 -3.43
N MET B 186 12.36 -6.75 -4.03
CA MET B 186 13.27 -5.64 -3.79
CA MET B 186 13.25 -5.65 -3.74
C MET B 186 12.49 -4.33 -3.88
N THR B 187 12.97 -3.33 -3.15
CA THR B 187 12.40 -1.99 -3.18
C THR B 187 13.48 -1.03 -2.69
N SER B 188 13.16 0.26 -2.70
CA SER B 188 14.05 1.31 -2.21
C SER B 188 13.23 2.34 -1.46
N SER B 189 13.90 3.05 -0.56
CA SER B 189 13.30 4.18 0.14
C SER B 189 14.32 5.30 0.13
N GLN B 190 13.87 6.50 -0.20
CA GLN B 190 14.77 7.63 -0.32
C GLN B 190 14.43 8.67 0.74
N LEU B 191 15.46 9.16 1.42
CA LEU B 191 15.27 10.32 2.28
C LEU B 191 14.94 11.51 1.37
N SER B 192 13.82 12.18 1.64
CA SER B 192 13.27 13.13 0.67
CA SER B 192 13.28 13.11 0.66
C SER B 192 14.14 14.36 0.50
N THR B 193 14.66 14.89 1.60
CA THR B 193 15.38 16.17 1.56
CA THR B 193 15.37 16.16 1.56
C THR B 193 16.84 15.91 1.25
N PRO B 194 17.39 16.53 0.21
CA PRO B 194 18.84 16.43 -0.02
C PRO B 194 19.59 17.03 1.14
N LEU B 195 20.81 16.54 1.36
CA LEU B 195 21.64 17.00 2.46
C LEU B 195 22.67 17.98 1.93
N GLN B 196 22.81 19.10 2.64
CA GLN B 196 23.82 20.10 2.32
C GLN B 196 25.14 19.83 3.05
N GLN B 197 25.06 19.54 4.35
CA GLN B 197 26.23 19.24 5.18
C GLN B 197 26.02 17.84 5.75
N TRP B 198 26.69 16.86 5.14
CA TRP B 198 26.55 15.47 5.55
C TRP B 198 27.50 15.16 6.70
N ARG B 199 26.95 14.64 7.80
CA ARG B 199 27.74 14.10 8.89
C ARG B 199 27.31 12.66 9.16
N GLN B 200 28.27 11.84 9.56
CA GLN B 200 28.04 10.42 9.73
C GLN B 200 27.16 10.16 10.94
N GLY B 201 26.28 9.15 10.83
CA GLY B 201 25.44 8.74 11.93
C GLY B 201 24.24 9.64 12.21
N GLU B 202 24.11 10.77 11.50
CA GLU B 202 23.01 11.68 11.79
C GLU B 202 21.66 11.12 11.33
N TYR B 203 21.63 10.46 10.17
CA TYR B 203 20.41 9.90 9.65
C TYR B 203 20.48 8.37 9.67
N LYS B 204 19.31 7.76 9.77
CA LYS B 204 19.22 6.31 9.72
C LYS B 204 17.94 5.91 9.00
N CYS B 205 17.99 4.78 8.32
CA CYS B 205 16.80 4.18 7.73
CA CYS B 205 16.79 4.20 7.76
C CYS B 205 16.47 2.91 8.51
N VAL B 206 15.20 2.73 8.82
CA VAL B 206 14.75 1.60 9.63
C VAL B 206 13.81 0.77 8.78
N VAL B 207 14.13 -0.53 8.62
CA VAL B 207 13.40 -1.40 7.71
C VAL B 207 12.77 -2.53 8.52
N GLN B 208 11.45 -2.58 8.53
CA GLN B 208 10.69 -3.59 9.26
C GLN B 208 10.11 -4.60 8.28
N HIS B 209 10.27 -5.88 8.58
CA HIS B 209 9.69 -6.97 7.78
C HIS B 209 8.99 -7.88 8.79
N THR B 210 7.71 -7.61 9.04
CA THR B 210 7.03 -8.30 10.12
CA THR B 210 7.00 -8.29 10.11
C THR B 210 6.88 -9.79 9.85
N ALA B 211 6.84 -10.20 8.57
CA ALA B 211 6.68 -11.62 8.29
C ALA B 211 7.83 -12.44 8.85
N SER B 212 9.02 -11.84 8.94
CA SER B 212 10.19 -12.47 9.57
C SER B 212 10.51 -11.90 10.95
N LYS B 213 9.56 -11.18 11.55
CA LYS B 213 9.71 -10.63 12.91
C LYS B 213 11.03 -9.88 13.05
N SER B 214 11.41 -9.14 12.01
CA SER B 214 12.75 -8.57 11.93
C SER B 214 12.69 -7.07 11.68
N LYS B 215 13.69 -6.37 12.21
CA LYS B 215 13.88 -4.94 11.98
C LYS B 215 15.36 -4.68 11.85
N LYS B 216 15.76 -3.98 10.79
CA LYS B 216 17.15 -3.62 10.57
C LYS B 216 17.26 -2.12 10.38
N GLU B 217 18.23 -1.51 11.05
CA GLU B 217 18.49 -0.08 10.93
C GLU B 217 19.89 0.11 10.37
N ILE B 218 20.03 1.01 9.41
CA ILE B 218 21.35 1.38 8.89
C ILE B 218 21.59 2.83 9.27
N PHE B 219 22.70 3.09 9.95
CA PHE B 219 23.01 4.45 10.40
C PHE B 219 24.41 4.91 10.02
N ARG B 220 25.12 4.17 9.19
CA ARG B 220 26.44 4.54 8.69
C ARG B 220 26.45 4.39 7.18
N TRP B 221 26.88 5.44 6.50
CA TRP B 221 27.15 5.36 5.07
C TRP B 221 28.66 5.35 4.92
N PRO B 222 29.29 4.22 4.63
CA PRO B 222 30.75 4.18 4.57
C PRO B 222 31.28 4.88 3.34
N GLU B 223 32.60 5.01 3.29
CA GLU B 223 33.25 5.65 2.15
C GLU B 223 32.97 4.87 0.88
N SER B 224 32.81 5.60 -0.22
CA SER B 224 32.57 4.97 -1.51
C SER B 224 33.80 4.19 -1.95
N PRO B 225 33.64 3.22 -2.87
CA PRO B 225 34.80 2.47 -3.35
C PRO B 225 35.70 3.33 -4.24
C1 EDO C . 27.74 3.88 0.49
O1 EDO C . 27.37 2.59 1.01
C2 EDO C . 29.19 3.83 0.01
O2 EDO C . 29.30 2.90 -1.08
C1 EDO D . -32.94 8.40 1.07
O1 EDO D . -33.51 7.09 1.07
C2 EDO D . -31.81 8.48 0.04
O2 EDO D . -32.31 8.89 -1.22
C1 EDO E . 13.82 10.40 -7.00
O1 EDO E . 13.33 10.91 -5.76
C2 EDO E . 14.29 11.59 -7.83
O2 EDO E . 15.00 12.48 -6.95
C1 EDO F . -28.71 -6.25 9.24
O1 EDO F . -29.21 -7.50 9.74
C2 EDO F . -27.89 -5.54 10.32
O2 EDO F . -28.75 -4.80 11.20
C1 EDO G . -31.26 6.06 6.82
O1 EDO G . -32.59 5.53 6.80
C2 EDO G . -31.22 7.43 7.49
O2 EDO G . -31.07 7.26 8.90
C1 EDO H . 7.16 20.37 -15.38
O1 EDO H . 5.99 20.34 -16.21
C2 EDO H . 6.73 20.50 -13.92
O2 EDO H . 7.66 19.82 -13.07
NA NA I . -35.24 -3.96 7.49
C1 EDO J . -27.26 -11.57 18.53
O1 EDO J . -28.22 -10.88 19.35
C2 EDO J . -25.88 -11.12 18.96
O2 EDO J . -25.89 -9.70 19.04
C1 EDO K . -2.72 -20.48 14.91
O1 EDO K . -4.01 -20.73 14.35
C2 EDO K . -1.89 -19.64 13.94
O2 EDO K . -1.84 -18.27 14.32
C1 EDO L . -18.46 -16.35 27.10
O1 EDO L . -19.35 -15.87 26.08
C2 EDO L . -17.11 -16.67 26.47
O2 EDO L . -16.07 -16.48 27.44
O1 PG4 M . 9.91 3.35 13.30
C1 PG4 M . 10.18 1.98 13.09
C2 PG4 M . 10.52 1.29 14.38
O2 PG4 M . 11.35 2.14 15.15
C3 PG4 M . 12.62 1.57 15.42
C4 PG4 M . 13.63 2.68 15.55
O3 PG4 M . 13.05 3.78 16.24
C5 PG4 M . 14.13 4.44 16.87
C6 PG4 M . 14.11 5.89 16.48
O4 PG4 M . 15.29 6.51 16.94
NA NA N . 21.27 4.54 16.18
#